data_1G94
#
_entry.id   1G94
#
_cell.length_a   71.010
_cell.length_b   139.960
_cell.length_c   115.890
_cell.angle_alpha   90.00
_cell.angle_beta   90.00
_cell.angle_gamma   90.00
#
_symmetry.space_group_name_H-M   'C 2 2 21'
#
loop_
_entity.id
_entity.type
_entity.pdbx_description
1 polymer ALPHA-AMYLASE
2 branched 4,6-dideoxy-4-{[(1S,5R,6S)-3-formyl-5,6-dihydroxy-4-oxocyclohex-2-en-1-yl]amino}-alpha-D-xylo-hex-5-enopyranose-(1-4)-alpha-D-glucopyranose
3 branched 4,6-dideoxy-4-{[(1S,5R,6S)-3-formyl-5,6-dihydroxy-4-oxocyclohex-2-en-1-yl]amino}-alpha-D-xylo-hex-5-enopyranose-(1-4)-alpha-D-glucopyranose-(1-4)-alpha-D-glucopyranose
4 non-polymer 'CALCIUM ION'
5 non-polymer 'CHLORIDE ION'
6 non-polymer 2-AMINO-2-HYDROXYMETHYL-PROPANE-1,3-DIOL
7 water water
#
_entity_poly.entity_id   1
_entity_poly.type   'polypeptide(L)'
_entity_poly.pdbx_seq_one_letter_code
;TPTTFVHLFEWNWQDVAQECEQYLGPKGYAAVQVSPPNEHITGSQWWTRYQPVSYELQSRGGNRAQFIDMVNRCSAAGVD
IYVDTLINHMAAGSGTGTAGNSFGNKSFPIYSPQDFHESCTINNSDYGNDRYRVQNCELVGLADLDTASNYVQNTIAAYI
NDLQAIGVKGFRFDASKHVAASDIQSLMAKVNGSPVVFQEVIDQGGEAVGASEYLSTGLVTEFKYSTELGNTFRNGSLAW
LSNFGEGWGFMPSSSAVVFVDNHDNQRGHGGAGNVITFEDGRLYDLANVFMLAYPYGYPKVMSSYDFHGDTDAGGPNVPV
HNNGNLECFASNWKCEHRWSYIAGGVDFRNNTADNWAVTNWWDNTNNQISFGRGSSGHMAINKEDSTLTATVQTDMASGQ
YCNVLKGELSADAKSCSGEVITVNSDGTINLNIGAWDAMAIHKNAKLN
;
_entity_poly.pdbx_strand_id   A
#
# COMPACT_ATOMS: atom_id res chain seq x y z
N THR A 1 1.46 -17.77 5.57
CA THR A 1 2.65 -16.87 5.63
C THR A 1 2.18 -15.46 5.35
N PRO A 2 2.62 -14.47 6.14
CA PRO A 2 2.19 -13.07 5.91
C PRO A 2 2.82 -12.62 4.57
N THR A 3 2.03 -11.97 3.72
CA THR A 3 2.51 -11.55 2.40
C THR A 3 2.04 -10.17 1.95
N THR A 4 1.10 -9.58 2.68
CA THR A 4 0.48 -8.32 2.27
C THR A 4 0.31 -7.33 3.38
N PHE A 5 0.54 -6.04 3.09
CA PHE A 5 0.30 -5.04 4.12
C PHE A 5 -0.86 -4.11 3.72
N VAL A 6 -1.22 -3.17 4.57
CA VAL A 6 -2.35 -2.28 4.30
C VAL A 6 -2.08 -0.86 4.79
N HIS A 7 -2.53 0.13 4.03
CA HIS A 7 -2.38 1.53 4.40
C HIS A 7 -3.71 1.99 5.03
N LEU A 8 -3.74 2.14 6.36
CA LEU A 8 -4.94 2.62 7.06
C LEU A 8 -4.83 4.15 7.09
N PHE A 9 -5.08 4.74 5.94
CA PHE A 9 -4.99 6.18 5.70
C PHE A 9 -5.84 7.02 6.64
N GLU A 10 -5.18 7.86 7.44
CA GLU A 10 -5.84 8.74 8.42
C GLU A 10 -6.55 8.05 9.59
N TRP A 11 -6.30 6.76 9.79
CA TRP A 11 -6.92 6.05 10.92
C TRP A 11 -6.15 6.45 12.20
N ASN A 12 -6.87 6.80 13.26
CA ASN A 12 -6.21 7.17 14.53
C ASN A 12 -5.66 5.92 15.23
N TRP A 13 -4.76 6.11 16.19
CA TRP A 13 -4.12 4.98 16.86
C TRP A 13 -5.03 3.99 17.58
N GLN A 14 -6.14 4.47 18.16
CA GLN A 14 -7.08 3.60 18.85
C GLN A 14 -7.80 2.69 17.87
N ASP A 15 -8.18 3.24 16.73
CA ASP A 15 -8.85 2.48 15.69
C ASP A 15 -7.91 1.44 15.10
N VAL A 16 -6.64 1.80 14.87
CA VAL A 16 -5.68 0.85 14.32
C VAL A 16 -5.47 -0.31 15.30
N ALA A 17 -5.32 0.01 16.58
CA ALA A 17 -5.11 -1.00 17.62
C ALA A 17 -6.25 -2.04 17.62
N GLN A 18 -7.50 -1.56 17.65
CA GLN A 18 -8.68 -2.44 17.65
C GLN A 18 -8.78 -3.26 16.37
N GLU A 19 -8.39 -2.64 15.25
CA GLU A 19 -8.45 -3.31 13.96
C GLU A 19 -7.44 -4.45 13.89
N CYS A 20 -6.25 -4.23 14.45
CA CYS A 20 -5.20 -5.25 14.49
C CYS A 20 -5.72 -6.49 15.23
N GLU A 21 -6.34 -6.24 16.38
CA GLU A 21 -6.87 -7.31 17.22
C GLU A 21 -8.07 -8.05 16.66
N GLN A 22 -9.06 -7.29 16.22
CA GLN A 22 -10.30 -7.84 15.70
C GLN A 22 -10.31 -8.33 14.27
N TYR A 23 -9.40 -7.82 13.43
CA TYR A 23 -9.44 -8.20 12.02
C TYR A 23 -8.13 -8.50 11.31
N LEU A 24 -7.21 -7.54 11.32
CA LEU A 24 -5.94 -7.70 10.62
C LEU A 24 -5.14 -8.93 11.02
N GLY A 25 -5.02 -9.16 12.33
CA GLY A 25 -4.28 -10.32 12.81
C GLY A 25 -4.93 -11.63 12.42
N PRO A 26 -6.23 -11.82 12.76
CA PRO A 26 -6.96 -13.04 12.41
C PRO A 26 -6.98 -13.32 10.90
N LYS A 27 -7.09 -12.27 10.09
CA LYS A 27 -7.12 -12.40 8.64
C LYS A 27 -5.77 -12.56 7.96
N GLY A 28 -4.69 -12.37 8.71
CA GLY A 28 -3.38 -12.57 8.14
C GLY A 28 -2.62 -11.43 7.48
N TYR A 29 -3.03 -10.18 7.68
CA TYR A 29 -2.29 -9.04 7.12
C TYR A 29 -0.96 -8.94 7.87
N ALA A 30 0.12 -8.71 7.12
CA ALA A 30 1.47 -8.63 7.70
C ALA A 30 1.81 -7.37 8.47
N ALA A 31 1.35 -6.22 7.97
CA ALA A 31 1.66 -4.95 8.61
C ALA A 31 0.68 -3.88 8.24
N VAL A 32 0.84 -2.72 8.89
CA VAL A 32 0.01 -1.55 8.68
C VAL A 32 0.88 -0.32 8.47
N GLN A 33 0.68 0.36 7.34
CA GLN A 33 1.36 1.61 7.06
C GLN A 33 0.46 2.68 7.69
N VAL A 34 1.00 3.40 8.68
CA VAL A 34 0.21 4.44 9.34
C VAL A 34 0.57 5.82 8.82
N SER A 35 -0.34 6.77 9.01
CA SER A 35 -0.10 8.15 8.61
C SER A 35 1.01 8.73 9.52
N PRO A 36 1.77 9.74 9.05
CA PRO A 36 2.84 10.36 9.84
C PRO A 36 2.42 10.64 11.29
N PRO A 37 3.14 10.03 12.25
CA PRO A 37 2.86 10.16 13.68
C PRO A 37 3.56 11.32 14.41
N ASN A 38 4.44 12.05 13.71
CA ASN A 38 5.17 13.17 14.31
C ASN A 38 4.37 14.46 14.28
N GLU A 39 4.84 15.46 15.02
CA GLU A 39 4.17 16.75 15.07
C GLU A 39 4.12 17.39 13.68
N HIS A 40 2.94 17.88 13.31
CA HIS A 40 2.71 18.50 11.99
C HIS A 40 1.86 19.76 12.14
N ILE A 41 1.65 20.48 11.04
CA ILE A 41 0.86 21.72 11.12
C ILE A 41 -0.61 21.45 11.44
N THR A 42 -1.28 22.45 12.02
CA THR A 42 -2.69 22.33 12.34
C THR A 42 -3.48 22.50 11.04
N GLY A 43 -4.76 22.15 11.05
CA GLY A 43 -5.59 22.22 9.87
C GLY A 43 -6.31 20.88 9.65
N SER A 44 -7.40 20.90 8.91
CA SER A 44 -8.16 19.67 8.69
C SER A 44 -7.82 18.87 7.45
N GLN A 45 -7.10 19.47 6.50
CA GLN A 45 -6.73 18.76 5.27
C GLN A 45 -5.94 17.50 5.58
N TRP A 46 -6.07 16.46 4.76
CA TRP A 46 -5.31 15.23 5.00
C TRP A 46 -3.80 15.49 4.85
N TRP A 47 -3.43 16.41 3.96
CA TRP A 47 -2.02 16.68 3.72
C TRP A 47 -1.24 17.48 4.75
N THR A 48 -1.87 17.87 5.86
CA THR A 48 -1.15 18.60 6.90
C THR A 48 -0.08 17.66 7.50
N ARG A 49 -0.33 16.37 7.40
N ARG A 49 -0.32 16.35 7.40
CA ARG A 49 0.58 15.33 7.93
CA ARG A 49 0.58 15.29 7.89
C ARG A 49 1.94 15.32 7.22
C ARG A 49 1.94 15.31 7.22
N TYR A 50 1.98 15.87 6.02
CA TYR A 50 3.21 15.93 5.25
C TYR A 50 4.01 17.22 5.39
N GLN A 51 3.71 17.99 6.43
CA GLN A 51 4.42 19.23 6.77
C GLN A 51 4.82 19.14 8.24
N PRO A 52 5.98 18.51 8.54
CA PRO A 52 6.49 18.34 9.92
C PRO A 52 6.88 19.65 10.62
N VAL A 53 6.66 19.67 11.94
CA VAL A 53 7.05 20.80 12.77
C VAL A 53 8.20 20.33 13.70
N SER A 54 8.13 19.09 14.16
CA SER A 54 9.18 18.48 14.99
C SER A 54 8.98 16.96 14.95
N TYR A 55 9.79 16.21 15.68
CA TYR A 55 9.64 14.76 15.70
C TYR A 55 8.95 14.20 16.94
N GLU A 56 8.25 15.07 17.68
CA GLU A 56 7.50 14.64 18.86
C GLU A 56 6.29 13.86 18.38
N LEU A 57 5.99 12.75 19.04
CA LEU A 57 4.88 11.88 18.66
C LEU A 57 3.52 12.37 19.15
N GLN A 58 3.15 13.56 18.69
CA GLN A 58 1.87 14.20 19.04
C GLN A 58 1.28 14.64 17.70
N SER A 59 0.27 13.93 17.21
CA SER A 59 -0.33 14.24 15.92
C SER A 59 -1.83 14.04 15.90
N ARG A 60 -2.42 14.18 14.71
CA ARG A 60 -3.85 13.99 14.56
C ARG A 60 -4.28 12.57 14.93
N GLY A 61 -3.36 11.62 14.79
CA GLY A 61 -3.68 10.24 15.13
C GLY A 61 -3.77 9.97 16.62
N GLY A 62 -3.11 10.81 17.42
CA GLY A 62 -3.09 10.64 18.88
C GLY A 62 -1.75 11.06 19.49
N ASN A 63 -1.60 10.81 20.80
CA ASN A 63 -0.37 11.16 21.51
C ASN A 63 0.63 10.00 21.60
N ARG A 64 1.79 10.27 22.21
CA ARG A 64 2.83 9.24 22.33
C ARG A 64 2.36 7.96 23.02
N ALA A 65 1.62 8.10 24.12
CA ALA A 65 1.13 6.93 24.84
C ALA A 65 0.21 6.07 23.97
N GLN A 66 -0.69 6.72 23.22
CA GLN A 66 -1.62 6.01 22.35
C GLN A 66 -0.92 5.32 21.19
N PHE A 67 0.16 5.93 20.70
CA PHE A 67 0.95 5.37 19.61
C PHE A 67 1.66 4.11 20.09
N ILE A 68 2.26 4.18 21.27
CA ILE A 68 2.99 3.05 21.85
C ILE A 68 2.03 1.89 22.10
N ASP A 69 0.85 2.23 22.64
CA ASP A 69 -0.20 1.24 22.92
C ASP A 69 -0.57 0.49 21.63
N MET A 70 -0.74 1.25 20.54
CA MET A 70 -1.06 0.67 19.23
C MET A 70 0.02 -0.30 18.76
N VAL A 71 1.29 0.10 18.85
CA VAL A 71 2.38 -0.77 18.42
C VAL A 71 2.39 -2.07 19.21
N ASN A 72 2.16 -1.98 20.52
CA ASN A 72 2.15 -3.15 21.38
C ASN A 72 1.00 -4.09 21.05
N ARG A 73 -0.21 -3.53 20.98
CA ARG A 73 -1.39 -4.32 20.71
C ARG A 73 -1.33 -4.97 19.34
N CYS A 74 -0.84 -4.23 18.34
CA CYS A 74 -0.74 -4.78 17.01
C CYS A 74 0.29 -5.90 17.00
N SER A 75 1.43 -5.66 17.63
CA SER A 75 2.51 -6.64 17.71
C SER A 75 2.02 -7.96 18.36
N ALA A 76 1.23 -7.83 19.43
CA ALA A 76 0.68 -8.99 20.13
C ALA A 76 -0.28 -9.76 19.24
N ALA A 77 -0.91 -9.06 18.30
CA ALA A 77 -1.85 -9.67 17.36
C ALA A 77 -1.12 -10.23 16.12
N GLY A 78 0.20 -10.05 16.07
CA GLY A 78 1.00 -10.54 14.96
C GLY A 78 1.12 -9.59 13.77
N VAL A 79 0.79 -8.31 13.99
CA VAL A 79 0.82 -7.31 12.93
C VAL A 79 1.86 -6.20 13.16
N ASP A 80 2.79 -6.03 12.21
CA ASP A 80 3.83 -4.99 12.29
C ASP A 80 3.32 -3.59 11.94
N ILE A 81 4.07 -2.57 12.33
CA ILE A 81 3.71 -1.20 12.04
C ILE A 81 4.83 -0.59 11.19
N TYR A 82 4.45 0.12 10.12
CA TYR A 82 5.41 0.80 9.24
C TYR A 82 5.05 2.27 9.36
N VAL A 83 6.02 3.11 9.69
CA VAL A 83 5.78 4.54 9.84
C VAL A 83 6.17 5.35 8.60
N ASP A 84 5.25 6.22 8.17
CA ASP A 84 5.48 7.11 7.03
C ASP A 84 6.44 8.19 7.58
N THR A 85 7.66 8.18 7.05
CA THR A 85 8.75 9.05 7.48
C THR A 85 9.14 10.15 6.48
N LEU A 86 9.10 11.40 6.96
CA LEU A 86 9.43 12.57 6.13
C LEU A 86 10.93 12.85 6.17
N ILE A 87 11.67 12.33 5.19
CA ILE A 87 13.12 12.54 5.17
C ILE A 87 13.61 13.71 4.32
N ASN A 88 12.70 14.32 3.56
CA ASN A 88 13.09 15.40 2.64
C ASN A 88 12.88 16.84 3.05
N HIS A 89 11.87 17.10 3.89
CA HIS A 89 11.54 18.49 4.20
C HIS A 89 10.80 18.73 5.51
N MET A 90 10.55 20.00 5.81
CA MET A 90 9.79 20.43 6.97
C MET A 90 8.65 21.32 6.38
N ALA A 91 7.73 21.76 7.23
CA ALA A 91 6.59 22.59 6.81
C ALA A 91 6.93 23.86 6.05
N ALA A 92 5.96 24.34 5.28
CA ALA A 92 6.11 25.59 4.53
C ALA A 92 5.60 26.76 5.38
N GLY A 93 6.12 27.96 5.10
CA GLY A 93 5.68 29.15 5.81
C GLY A 93 5.91 29.17 7.31
N SER A 94 4.87 29.59 8.03
CA SER A 94 4.94 29.67 9.48
C SER A 94 3.61 29.27 10.10
N GLY A 95 3.64 29.00 11.40
CA GLY A 95 2.42 28.61 12.09
C GLY A 95 2.68 27.89 13.40
N THR A 96 1.77 26.97 13.72
CA THR A 96 1.82 26.20 14.95
C THR A 96 1.65 24.72 14.64
N GLY A 97 2.24 23.87 15.48
CA GLY A 97 2.16 22.44 15.29
C GLY A 97 1.18 21.81 16.25
N THR A 98 0.93 20.52 16.04
CA THR A 98 0.00 19.77 16.86
C THR A 98 0.44 19.53 18.32
N ALA A 99 1.70 19.84 18.64
CA ALA A 99 2.18 19.68 20.01
C ALA A 99 2.42 21.04 20.67
N GLY A 100 1.92 22.09 20.02
CA GLY A 100 2.06 23.44 20.54
C GLY A 100 3.29 24.19 20.09
N ASN A 101 4.18 23.53 19.36
CA ASN A 101 5.40 24.20 18.90
C ASN A 101 5.13 25.21 17.79
N SER A 102 5.84 26.31 17.84
N SER A 102 5.85 26.34 17.85
CA SER A 102 5.73 27.40 16.87
CA SER A 102 5.71 27.36 16.83
C SER A 102 6.93 27.33 15.94
C SER A 102 6.90 27.22 15.89
N PHE A 103 6.72 27.72 14.68
CA PHE A 103 7.77 27.69 13.65
C PHE A 103 7.56 28.81 12.64
N GLY A 104 8.61 29.15 11.89
CA GLY A 104 8.48 30.18 10.90
C GLY A 104 9.82 30.56 10.30
N ASN A 105 9.82 30.99 9.04
CA ASN A 105 11.05 31.40 8.34
C ASN A 105 12.14 30.34 8.40
N LYS A 106 11.79 29.09 8.11
CA LYS A 106 12.75 27.98 8.15
C LYS A 106 13.41 27.82 9.53
N SER A 107 12.65 28.13 10.58
CA SER A 107 13.13 28.01 11.95
C SER A 107 12.15 27.14 12.74
N PHE A 108 12.63 25.98 13.16
CA PHE A 108 11.84 25.00 13.90
C PHE A 108 12.51 24.67 15.24
N PRO A 109 11.82 23.86 16.08
CA PRO A 109 12.40 23.49 17.38
C PRO A 109 13.74 22.76 17.23
N ILE A 110 13.88 21.97 16.16
CA ILE A 110 15.09 21.18 15.92
C ILE A 110 15.97 21.56 14.73
N TYR A 111 15.54 22.56 13.94
CA TYR A 111 16.31 23.00 12.76
C TYR A 111 16.34 24.52 12.64
N SER A 112 17.46 25.01 12.11
CA SER A 112 17.67 26.43 11.90
C SER A 112 17.67 26.68 10.38
N PRO A 113 17.60 27.94 9.95
CA PRO A 113 17.60 28.23 8.51
C PRO A 113 18.83 27.66 7.80
N GLN A 114 19.94 27.53 8.52
CA GLN A 114 21.19 27.02 7.96
C GLN A 114 21.19 25.52 7.74
N ASP A 115 20.14 24.83 8.19
CA ASP A 115 20.05 23.38 8.03
C ASP A 115 19.26 23.00 6.77
N PHE A 116 18.90 24.00 5.98
CA PHE A 116 18.14 23.79 4.74
C PHE A 116 18.92 24.28 3.54
N HIS A 117 18.56 23.77 2.36
CA HIS A 117 19.16 24.21 1.11
C HIS A 117 18.60 25.62 0.81
N GLU A 118 19.32 26.43 0.04
CA GLU A 118 18.84 27.77 -0.31
C GLU A 118 17.54 27.61 -1.14
N SER A 119 16.55 28.44 -0.84
CA SER A 119 15.25 28.39 -1.52
C SER A 119 15.20 28.56 -3.03
N CYS A 120 14.61 27.58 -3.69
CA CYS A 120 14.35 27.59 -5.13
C CYS A 120 13.15 26.68 -5.33
N THR A 121 12.46 26.82 -6.46
CA THR A 121 11.27 26.04 -6.72
C THR A 121 11.45 24.94 -7.73
N ILE A 122 10.90 23.76 -7.43
CA ILE A 122 10.99 22.65 -8.38
C ILE A 122 9.89 22.88 -9.42
N ASN A 123 10.30 23.15 -10.65
CA ASN A 123 9.37 23.35 -11.76
C ASN A 123 9.10 22.00 -12.40
N ASN A 124 7.93 21.86 -13.02
CA ASN A 124 7.58 20.60 -13.64
C ASN A 124 8.60 20.10 -14.66
N SER A 125 9.25 21.00 -15.38
CA SER A 125 10.24 20.58 -16.38
C SER A 125 11.54 20.08 -15.75
N ASP A 126 11.76 20.41 -14.48
CA ASP A 126 12.96 19.96 -13.77
C ASP A 126 13.02 18.45 -13.66
N TYR A 127 11.87 17.80 -13.52
CA TYR A 127 11.86 16.34 -13.42
C TYR A 127 12.53 15.66 -14.60
N GLY A 128 12.33 16.22 -15.79
CA GLY A 128 12.92 15.65 -16.98
C GLY A 128 14.35 16.04 -17.29
N ASN A 129 14.79 17.22 -16.88
CA ASN A 129 16.16 17.62 -17.21
C ASN A 129 17.06 18.28 -16.17
N ASP A 130 16.68 18.27 -14.90
CA ASP A 130 17.54 18.89 -13.89
C ASP A 130 17.51 18.18 -12.54
N ARG A 131 18.38 17.17 -12.41
CA ARG A 131 18.52 16.38 -11.20
C ARG A 131 18.81 17.25 -9.98
N TYR A 132 19.66 18.25 -10.18
CA TYR A 132 20.03 19.16 -9.10
C TYR A 132 18.82 19.87 -8.50
N ARG A 133 17.94 20.40 -9.35
CA ARG A 133 16.76 21.12 -8.87
C ARG A 133 15.74 20.20 -8.21
N VAL A 134 15.59 18.98 -8.74
CA VAL A 134 14.65 18.02 -8.20
C VAL A 134 15.06 17.67 -6.76
N GLN A 135 16.38 17.61 -6.52
CA GLN A 135 16.89 17.23 -5.20
C GLN A 135 17.29 18.34 -4.23
N ASN A 136 17.49 19.56 -4.73
CA ASN A 136 17.90 20.67 -3.87
C ASN A 136 16.88 21.79 -3.73
N CYS A 137 15.90 21.83 -4.64
CA CYS A 137 14.87 22.85 -4.57
C CYS A 137 13.63 22.35 -3.80
N GLU A 138 12.67 23.24 -3.61
CA GLU A 138 11.46 22.93 -2.84
C GLU A 138 10.31 22.29 -3.59
N LEU A 139 9.78 21.22 -3.01
CA LEU A 139 8.62 20.50 -3.55
C LEU A 139 7.42 21.27 -3.00
N VAL A 140 6.63 21.89 -3.88
CA VAL A 140 5.46 22.68 -3.47
C VAL A 140 5.66 23.58 -2.24
N GLY A 141 6.81 24.28 -2.20
CA GLY A 141 7.14 25.20 -1.14
C GLY A 141 7.61 24.66 0.21
N LEU A 142 7.76 23.35 0.30
CA LEU A 142 8.21 22.69 1.53
C LEU A 142 9.71 22.92 1.76
N ALA A 143 10.08 23.36 2.97
CA ALA A 143 11.49 23.65 3.31
C ALA A 143 12.35 22.42 3.08
N ASP A 144 13.30 22.52 2.14
CA ASP A 144 14.15 21.40 1.76
C ASP A 144 15.38 21.23 2.64
N LEU A 145 15.37 20.16 3.43
CA LEU A 145 16.48 19.87 4.35
C LEU A 145 17.79 19.58 3.64
N ASP A 146 18.90 20.02 4.24
CA ASP A 146 20.21 19.73 3.71
C ASP A 146 20.52 18.29 4.18
N THR A 147 20.06 17.31 3.40
CA THR A 147 20.24 15.92 3.74
C THR A 147 21.69 15.39 3.66
N ALA A 148 22.61 16.27 3.26
CA ALA A 148 24.03 15.90 3.19
C ALA A 148 24.73 16.33 4.49
N SER A 149 24.01 17.08 5.33
CA SER A 149 24.56 17.56 6.60
C SER A 149 24.58 16.46 7.67
N ASN A 150 25.72 16.29 8.33
CA ASN A 150 25.86 15.28 9.39
C ASN A 150 24.82 15.51 10.49
N TYR A 151 24.57 16.77 10.87
CA TYR A 151 23.57 17.04 11.90
C TYR A 151 22.16 16.61 11.50
N VAL A 152 21.76 16.95 10.27
CA VAL A 152 20.44 16.58 9.77
C VAL A 152 20.28 15.05 9.75
N GLN A 153 21.30 14.36 9.24
CA GLN A 153 21.28 12.90 9.18
C GLN A 153 21.17 12.27 10.59
N ASN A 154 21.91 12.83 11.56
CA ASN A 154 21.88 12.32 12.93
C ASN A 154 20.50 12.54 13.55
N THR A 155 19.90 13.67 13.23
CA THR A 155 18.59 14.02 13.77
C THR A 155 17.49 13.11 13.21
N ILE A 156 17.53 12.84 11.91
CA ILE A 156 16.53 11.96 11.32
C ILE A 156 16.75 10.51 11.80
N ALA A 157 18.01 10.07 11.81
CA ALA A 157 18.34 8.71 12.27
C ALA A 157 17.91 8.51 13.73
N ALA A 158 18.04 9.54 14.56
CA ALA A 158 17.65 9.45 15.96
C ALA A 158 16.15 9.20 16.12
N TYR A 159 15.36 9.83 15.25
CA TYR A 159 13.90 9.67 15.22
C TYR A 159 13.56 8.23 14.81
N ILE A 160 14.20 7.75 13.76
CA ILE A 160 13.98 6.39 13.26
C ILE A 160 14.39 5.34 14.29
N ASN A 161 15.52 5.55 14.94
CA ASN A 161 16.02 4.60 15.95
C ASN A 161 15.15 4.60 17.20
N ASP A 162 14.57 5.75 17.49
CA ASP A 162 13.68 5.88 18.62
C ASP A 162 12.42 5.08 18.35
N LEU A 163 11.95 5.13 17.10
CA LEU A 163 10.73 4.41 16.71
C LEU A 163 10.98 2.91 16.78
N GLN A 164 12.15 2.47 16.33
CA GLN A 164 12.48 1.05 16.39
C GLN A 164 12.51 0.54 17.84
N ALA A 165 12.95 1.40 18.76
CA ALA A 165 13.04 1.05 20.19
C ALA A 165 11.65 0.82 20.76
N ILE A 166 10.67 1.54 20.23
CA ILE A 166 9.27 1.42 20.64
C ILE A 166 8.69 0.11 20.05
N GLY A 167 9.26 -0.35 18.94
CA GLY A 167 8.77 -1.58 18.35
C GLY A 167 8.39 -1.48 16.89
N VAL A 168 8.54 -0.30 16.29
CA VAL A 168 8.19 -0.09 14.88
C VAL A 168 9.12 -0.93 14.00
N LYS A 169 8.54 -1.69 13.07
CA LYS A 169 9.34 -2.59 12.23
C LYS A 169 9.72 -2.14 10.82
N GLY A 170 9.07 -1.08 10.33
CA GLY A 170 9.35 -0.61 8.99
C GLY A 170 9.08 0.86 8.79
N PHE A 171 9.56 1.39 7.66
CA PHE A 171 9.44 2.81 7.36
C PHE A 171 9.22 3.10 5.86
N ARG A 172 8.35 4.07 5.58
CA ARG A 172 8.12 4.52 4.21
C ARG A 172 8.93 5.81 4.13
N PHE A 173 9.90 5.88 3.22
CA PHE A 173 10.69 7.11 3.07
C PHE A 173 9.96 7.97 2.06
N ASP A 174 9.21 8.94 2.55
CA ASP A 174 8.43 9.86 1.72
C ASP A 174 9.32 10.74 0.85
N ALA A 175 8.88 10.99 -0.39
CA ALA A 175 9.61 11.86 -1.32
C ALA A 175 11.09 11.51 -1.52
N SER A 176 11.42 10.22 -1.58
CA SER A 176 12.81 9.80 -1.75
C SER A 176 13.46 10.30 -3.02
N LYS A 177 12.66 10.47 -4.08
CA LYS A 177 13.22 10.99 -5.33
C LYS A 177 13.88 12.35 -5.10
N HIS A 178 13.38 13.08 -4.12
CA HIS A 178 13.89 14.41 -3.81
C HIS A 178 15.11 14.47 -2.92
N VAL A 179 15.68 13.30 -2.61
CA VAL A 179 16.89 13.18 -1.80
C VAL A 179 17.85 12.30 -2.57
N ALA A 180 19.10 12.75 -2.69
CA ALA A 180 20.12 11.99 -3.40
C ALA A 180 20.24 10.60 -2.78
N ALA A 181 20.36 9.56 -3.61
CA ALA A 181 20.47 8.19 -3.09
C ALA A 181 21.69 8.09 -2.17
N SER A 182 22.76 8.83 -2.48
CA SER A 182 23.98 8.81 -1.66
C SER A 182 23.69 9.37 -0.26
N ASP A 183 22.78 10.34 -0.16
CA ASP A 183 22.40 10.89 1.14
C ASP A 183 21.60 9.84 1.92
N ILE A 184 20.75 9.08 1.22
CA ILE A 184 19.99 8.03 1.89
C ILE A 184 20.95 6.91 2.35
N GLN A 185 22.02 6.66 1.59
CA GLN A 185 23.02 5.65 1.97
C GLN A 185 23.73 6.07 3.27
N SER A 186 24.09 7.36 3.37
CA SER A 186 24.75 7.88 4.57
C SER A 186 23.80 7.78 5.77
N LEU A 187 22.53 8.14 5.54
CA LEU A 187 21.53 8.08 6.60
C LEU A 187 21.37 6.64 7.12
N MET A 188 21.27 5.67 6.22
CA MET A 188 21.08 4.28 6.63
C MET A 188 22.22 3.72 7.48
N ALA A 189 23.43 4.22 7.26
CA ALA A 189 24.60 3.78 8.03
C ALA A 189 24.44 4.18 9.50
N LYS A 190 23.59 5.18 9.76
CA LYS A 190 23.34 5.64 11.13
C LYS A 190 22.10 4.98 11.74
N VAL A 191 21.35 4.23 10.93
CA VAL A 191 20.16 3.57 11.43
C VAL A 191 20.54 2.17 11.96
N ASN A 192 20.07 1.84 13.17
CA ASN A 192 20.35 0.57 13.81
C ASN A 192 19.61 -0.59 13.16
N GLY A 193 20.27 -1.74 13.11
CA GLY A 193 19.66 -2.94 12.57
C GLY A 193 19.33 -2.88 11.10
N SER A 194 18.30 -3.62 10.71
CA SER A 194 17.86 -3.67 9.32
C SER A 194 16.33 -3.72 9.23
N PRO A 195 15.68 -2.59 9.53
CA PRO A 195 14.23 -2.53 9.47
C PRO A 195 13.79 -2.61 8.00
N VAL A 196 12.50 -2.82 7.78
CA VAL A 196 11.99 -2.87 6.41
C VAL A 196 11.87 -1.41 5.96
N VAL A 197 12.47 -1.08 4.82
CA VAL A 197 12.40 0.29 4.31
C VAL A 197 11.91 0.27 2.86
N PHE A 198 10.92 1.10 2.55
CA PHE A 198 10.47 1.23 1.17
C PHE A 198 10.41 2.72 0.86
N GLN A 199 10.98 3.06 -0.30
CA GLN A 199 11.12 4.42 -0.76
C GLN A 199 10.12 4.82 -1.84
N GLU A 200 9.47 5.97 -1.65
CA GLU A 200 8.49 6.44 -2.64
C GLU A 200 9.20 7.18 -3.75
N VAL A 201 9.28 6.54 -4.92
CA VAL A 201 9.91 7.10 -6.12
C VAL A 201 8.97 6.80 -7.30
N ILE A 202 8.42 7.86 -7.89
CA ILE A 202 7.51 7.74 -9.03
C ILE A 202 8.35 7.80 -10.31
N ASP A 203 8.44 6.69 -11.02
CA ASP A 203 9.24 6.65 -12.23
C ASP A 203 8.54 5.90 -13.35
N GLN A 204 8.00 6.64 -14.31
CA GLN A 204 7.31 6.05 -15.45
C GLN A 204 8.22 6.07 -16.69
N GLY A 205 9.45 6.54 -16.50
CA GLY A 205 10.40 6.61 -17.59
C GLY A 205 10.67 8.06 -17.99
N GLY A 206 11.86 8.31 -18.54
CA GLY A 206 12.22 9.65 -18.99
C GLY A 206 12.61 10.71 -17.97
N GLU A 207 12.64 10.33 -16.69
CA GLU A 207 12.99 11.26 -15.62
C GLU A 207 14.52 11.42 -15.51
N ALA A 208 14.96 12.52 -14.90
CA ALA A 208 16.38 12.76 -14.70
C ALA A 208 16.87 11.87 -13.54
N VAL A 209 15.97 11.54 -12.62
CA VAL A 209 16.26 10.68 -11.46
C VAL A 209 15.42 9.41 -11.58
N GLY A 210 16.09 8.26 -11.63
CA GLY A 210 15.40 7.00 -11.79
C GLY A 210 15.26 6.16 -10.52
N ALA A 211 14.26 5.29 -10.52
CA ALA A 211 13.98 4.42 -9.39
C ALA A 211 15.10 3.42 -9.14
N SER A 212 15.81 3.04 -10.21
CA SER A 212 16.90 2.07 -10.10
C SER A 212 18.01 2.56 -9.16
N GLU A 213 18.11 3.87 -8.96
CA GLU A 213 19.13 4.44 -8.10
C GLU A 213 18.93 4.13 -6.61
N TYR A 214 17.70 3.76 -6.24
CA TYR A 214 17.35 3.49 -4.85
C TYR A 214 17.24 2.01 -4.46
N LEU A 215 17.62 1.12 -5.35
CA LEU A 215 17.50 -0.32 -5.09
C LEU A 215 18.42 -0.83 -3.99
N SER A 216 19.56 -0.19 -3.81
CA SER A 216 20.51 -0.64 -2.79
C SER A 216 20.13 -0.24 -1.37
N THR A 217 19.27 0.78 -1.24
CA THR A 217 18.87 1.25 0.08
C THR A 217 17.54 0.73 0.63
N GLY A 218 16.86 -0.11 -0.14
CA GLY A 218 15.59 -0.67 0.30
C GLY A 218 14.66 -0.97 -0.85
N LEU A 219 13.42 -1.29 -0.52
CA LEU A 219 12.38 -1.57 -1.53
C LEU A 219 11.98 -0.23 -2.13
N VAL A 220 11.41 -0.27 -3.33
CA VAL A 220 10.97 0.95 -4.01
C VAL A 220 9.57 0.75 -4.58
N THR A 221 8.75 1.80 -4.49
CA THR A 221 7.39 1.76 -5.02
C THR A 221 7.46 1.67 -6.55
N GLU A 222 6.82 0.65 -7.13
CA GLU A 222 6.78 0.47 -8.58
C GLU A 222 5.47 1.08 -9.10
N PHE A 223 5.49 2.37 -9.42
CA PHE A 223 4.29 3.06 -9.90
C PHE A 223 3.76 2.61 -11.26
N LYS A 224 4.59 1.96 -12.06
CA LYS A 224 4.14 1.47 -13.37
C LYS A 224 3.09 0.39 -13.16
N TYR A 225 3.19 -0.33 -12.06
CA TYR A 225 2.26 -1.41 -11.74
C TYR A 225 0.85 -0.86 -11.62
N SER A 226 0.69 0.15 -10.79
CA SER A 226 -0.61 0.77 -10.57
C SER A 226 -1.23 1.34 -11.86
N THR A 227 -0.41 2.03 -12.64
CA THR A 227 -0.90 2.66 -13.86
C THR A 227 -1.17 1.68 -14.99
N GLU A 228 -0.29 0.70 -15.18
CA GLU A 228 -0.50 -0.29 -16.23
C GLU A 228 -1.64 -1.26 -15.91
N LEU A 229 -1.83 -1.54 -14.63
CA LEU A 229 -2.90 -2.44 -14.22
C LEU A 229 -4.23 -1.72 -14.48
N GLY A 230 -4.29 -0.45 -14.13
CA GLY A 230 -5.50 0.34 -14.35
C GLY A 230 -5.80 0.49 -15.82
N ASN A 231 -4.76 0.76 -16.61
N ASN A 231 -4.76 0.76 -16.61
CA ASN A 231 -4.87 0.92 -18.06
CA ASN A 231 -4.94 0.94 -18.04
C ASN A 231 -5.39 -0.35 -18.73
C ASN A 231 -5.39 -0.35 -18.73
N THR A 232 -4.83 -1.49 -18.32
CA THR A 232 -5.20 -2.78 -18.91
C THR A 232 -6.63 -3.19 -18.51
N PHE A 233 -6.97 -3.04 -17.24
CA PHE A 233 -8.30 -3.41 -16.76
C PHE A 233 -9.41 -2.53 -17.32
N ARG A 234 -9.09 -1.29 -17.65
N ARG A 234 -9.11 -1.28 -17.63
CA ARG A 234 -10.09 -0.36 -18.16
CA ARG A 234 -10.09 -0.36 -18.16
C ARG A 234 -10.13 -0.33 -19.67
C ARG A 234 -10.13 -0.31 -19.69
N ASN A 235 -8.98 -0.15 -20.29
CA ASN A 235 -8.91 -0.03 -21.74
C ASN A 235 -8.23 -1.13 -22.57
N GLY A 236 -7.78 -2.21 -21.94
CA GLY A 236 -7.09 -3.25 -22.71
C GLY A 236 -7.64 -4.64 -22.55
N SER A 237 -6.79 -5.64 -22.74
CA SER A 237 -7.21 -7.05 -22.60
C SER A 237 -6.43 -7.70 -21.45
N LEU A 238 -7.14 -8.43 -20.59
CA LEU A 238 -6.50 -9.10 -19.47
C LEU A 238 -5.48 -10.14 -19.92
N ALA A 239 -5.68 -10.68 -21.14
CA ALA A 239 -4.79 -11.68 -21.71
C ALA A 239 -3.36 -11.17 -21.83
N TRP A 240 -3.19 -9.85 -21.87
CA TRP A 240 -1.87 -9.24 -21.98
C TRP A 240 -1.04 -9.40 -20.70
N LEU A 241 -1.72 -9.68 -19.60
CA LEU A 241 -1.06 -9.81 -18.30
C LEU A 241 -0.29 -11.12 -18.07
N SER A 242 -0.27 -12.02 -19.04
CA SER A 242 0.42 -13.31 -18.88
C SER A 242 1.89 -13.21 -18.47
N ASN A 243 2.50 -12.07 -18.76
CA ASN A 243 3.91 -11.82 -18.43
C ASN A 243 4.10 -10.50 -17.67
N PHE A 244 3.05 -10.05 -16.96
CA PHE A 244 3.11 -8.81 -16.18
C PHE A 244 4.34 -8.83 -15.25
N GLY A 245 4.95 -7.66 -15.03
CA GLY A 245 6.12 -7.60 -14.16
C GLY A 245 7.37 -7.20 -14.93
N GLU A 246 8.48 -7.90 -14.68
CA GLU A 246 9.77 -7.61 -15.35
C GLU A 246 9.62 -7.64 -16.87
N GLY A 247 8.73 -8.50 -17.36
CA GLY A 247 8.50 -8.61 -18.80
C GLY A 247 8.01 -7.30 -19.41
N TRP A 248 7.34 -6.48 -18.62
CA TRP A 248 6.82 -5.19 -19.07
C TRP A 248 7.78 -4.04 -18.77
N GLY A 249 8.97 -4.35 -18.26
CA GLY A 249 9.95 -3.32 -17.94
C GLY A 249 9.97 -2.85 -16.50
N PHE A 250 9.23 -3.53 -15.63
CA PHE A 250 9.18 -3.15 -14.20
C PHE A 250 10.48 -3.59 -13.51
N MET A 251 10.73 -3.04 -12.33
CA MET A 251 11.93 -3.41 -11.56
C MET A 251 11.80 -4.84 -11.02
N PRO A 252 12.90 -5.42 -10.50
CA PRO A 252 12.86 -6.78 -9.95
C PRO A 252 11.73 -6.95 -8.92
N SER A 253 11.01 -8.07 -9.01
CA SER A 253 9.90 -8.39 -8.13
C SER A 253 10.24 -8.27 -6.65
N SER A 254 11.41 -8.78 -6.28
CA SER A 254 11.83 -8.75 -4.87
C SER A 254 12.21 -7.35 -4.34
N SER A 255 12.21 -6.34 -5.21
CA SER A 255 12.53 -4.96 -4.80
C SER A 255 11.32 -4.05 -4.87
N ALA A 256 10.22 -4.55 -5.43
CA ALA A 256 9.02 -3.73 -5.63
C ALA A 256 7.90 -3.77 -4.61
N VAL A 257 7.37 -2.59 -4.29
CA VAL A 257 6.18 -2.45 -3.45
C VAL A 257 5.13 -2.05 -4.52
N VAL A 258 4.01 -2.78 -4.56
CA VAL A 258 2.97 -2.53 -5.55
C VAL A 258 1.60 -2.29 -4.93
N PHE A 259 0.69 -1.73 -5.72
CA PHE A 259 -0.66 -1.41 -5.25
C PHE A 259 -1.54 -1.10 -6.44
N VAL A 260 -2.86 -1.15 -6.23
CA VAL A 260 -3.83 -0.79 -7.26
C VAL A 260 -3.89 0.75 -7.23
N ASP A 261 -3.91 1.32 -6.02
CA ASP A 261 -3.92 2.77 -5.85
C ASP A 261 -3.29 3.11 -4.50
N ASN A 262 -2.88 4.37 -4.31
CA ASN A 262 -2.34 4.80 -3.04
C ASN A 262 -3.06 6.09 -2.65
N HIS A 263 -2.73 6.65 -1.49
CA HIS A 263 -3.41 7.85 -1.02
C HIS A 263 -3.31 9.08 -1.95
N ASP A 264 -2.25 9.15 -2.76
CA ASP A 264 -2.09 10.29 -3.66
C ASP A 264 -2.86 10.11 -4.96
N ASN A 265 -2.55 9.04 -5.69
CA ASN A 265 -3.16 8.82 -6.98
C ASN A 265 -4.66 8.53 -7.04
N GLN A 266 -5.27 8.18 -5.91
CA GLN A 266 -6.71 7.95 -5.90
C GLN A 266 -7.49 9.28 -5.88
N ARG A 267 -6.76 10.39 -5.66
N ARG A 267 -6.79 10.37 -5.68
CA ARG A 267 -7.38 11.70 -5.60
CA ARG A 267 -7.42 11.68 -5.64
C ARG A 267 -6.70 12.70 -6.51
C ARG A 267 -6.73 12.72 -6.54
N GLY A 268 -6.10 12.22 -7.60
CA GLY A 268 -5.46 13.12 -8.54
C GLY A 268 -4.17 13.80 -8.17
N HIS A 269 -3.53 13.36 -7.11
CA HIS A 269 -2.24 13.95 -6.74
C HIS A 269 -1.18 13.15 -7.48
N GLY A 270 -0.98 13.52 -8.74
CA GLY A 270 -0.01 12.83 -9.57
C GLY A 270 -0.56 11.59 -10.24
N GLY A 271 -1.87 11.37 -10.14
CA GLY A 271 -2.46 10.18 -10.74
C GLY A 271 -3.66 10.47 -11.63
N ALA A 272 -3.62 9.95 -12.86
CA ALA A 272 -4.69 10.15 -13.83
C ALA A 272 -5.94 9.32 -13.55
N GLY A 273 -6.98 9.55 -14.36
CA GLY A 273 -8.24 8.84 -14.21
C GLY A 273 -8.20 7.36 -14.51
N ASN A 274 -7.12 6.88 -15.12
CA ASN A 274 -7.02 5.45 -15.42
C ASN A 274 -6.77 4.59 -14.16
N VAL A 275 -6.36 5.24 -13.06
CA VAL A 275 -6.12 4.53 -11.80
C VAL A 275 -7.46 4.02 -11.26
N ILE A 276 -7.52 2.77 -10.84
CA ILE A 276 -8.75 2.19 -10.31
C ILE A 276 -8.81 2.38 -8.79
N THR A 277 -9.97 2.81 -8.28
CA THR A 277 -10.13 3.06 -6.84
C THR A 277 -11.45 2.48 -6.32
N PHE A 278 -11.71 2.66 -5.02
CA PHE A 278 -12.94 2.14 -4.42
C PHE A 278 -14.18 2.62 -5.16
N GLU A 279 -14.11 3.82 -5.74
CA GLU A 279 -15.25 4.36 -6.48
C GLU A 279 -15.71 3.48 -7.63
N ASP A 280 -14.81 2.65 -8.15
CA ASP A 280 -15.12 1.74 -9.25
C ASP A 280 -15.79 0.43 -8.87
N GLY A 281 -16.07 0.24 -7.59
CA GLY A 281 -16.73 -0.97 -7.13
C GLY A 281 -16.15 -2.32 -7.57
N ARG A 282 -16.97 -3.11 -8.28
CA ARG A 282 -16.55 -4.43 -8.74
C ARG A 282 -15.28 -4.39 -9.58
N LEU A 283 -15.04 -3.29 -10.31
CA LEU A 283 -13.81 -3.21 -11.10
C LEU A 283 -12.61 -3.22 -10.13
N TYR A 284 -12.78 -2.58 -8.98
CA TYR A 284 -11.73 -2.52 -7.97
C TYR A 284 -11.53 -3.92 -7.36
N ASP A 285 -12.62 -4.64 -7.10
CA ASP A 285 -12.53 -6.00 -6.57
C ASP A 285 -11.65 -6.87 -7.48
N LEU A 286 -11.96 -6.86 -8.78
CA LEU A 286 -11.25 -7.66 -9.76
C LEU A 286 -9.77 -7.28 -9.92
N ALA A 287 -9.47 -5.99 -9.87
CA ALA A 287 -8.09 -5.52 -10.00
C ALA A 287 -7.28 -6.02 -8.80
N ASN A 288 -7.89 -5.97 -7.62
CA ASN A 288 -7.25 -6.44 -6.39
C ASN A 288 -7.04 -7.95 -6.41
N VAL A 289 -8.03 -8.69 -6.90
CA VAL A 289 -7.90 -10.15 -6.99
C VAL A 289 -6.72 -10.51 -7.88
N PHE A 290 -6.53 -9.81 -9.00
CA PHE A 290 -5.39 -10.12 -9.86
C PHE A 290 -4.08 -9.82 -9.13
N MET A 291 -3.96 -8.61 -8.58
CA MET A 291 -2.75 -8.22 -7.87
C MET A 291 -2.35 -9.22 -6.78
N LEU A 292 -3.31 -9.60 -5.94
CA LEU A 292 -3.05 -10.49 -4.82
C LEU A 292 -2.76 -11.95 -5.20
N ALA A 293 -3.30 -12.39 -6.33
CA ALA A 293 -3.06 -13.75 -6.79
C ALA A 293 -1.76 -13.84 -7.61
N TYR A 294 -1.38 -12.73 -8.26
CA TYR A 294 -0.19 -12.69 -9.10
C TYR A 294 1.10 -12.56 -8.29
N PRO A 295 2.10 -13.42 -8.57
CA PRO A 295 3.39 -13.46 -7.86
C PRO A 295 4.45 -12.38 -8.13
N TYR A 296 4.06 -11.11 -8.15
CA TYR A 296 5.01 -10.03 -8.37
C TYR A 296 4.87 -8.99 -7.26
N GLY A 297 6.00 -8.59 -6.70
CA GLY A 297 6.05 -7.56 -5.67
C GLY A 297 5.46 -7.85 -4.30
N TYR A 298 5.55 -6.83 -3.44
CA TYR A 298 5.04 -6.87 -2.07
C TYR A 298 3.88 -5.88 -2.13
N PRO A 299 2.64 -6.39 -2.17
CA PRO A 299 1.49 -5.50 -2.25
C PRO A 299 0.92 -4.91 -0.97
N LYS A 300 0.42 -3.68 -1.11
CA LYS A 300 -0.28 -3.04 -0.02
C LYS A 300 -1.70 -2.72 -0.48
N VAL A 301 -2.67 -3.17 0.30
CA VAL A 301 -4.09 -2.91 0.03
C VAL A 301 -4.34 -1.48 0.54
N MET A 302 -5.19 -0.74 -0.15
CA MET A 302 -5.50 0.63 0.25
C MET A 302 -6.75 0.62 1.11
N SER A 303 -6.82 1.52 2.11
CA SER A 303 -8.02 1.61 2.94
C SER A 303 -8.32 3.11 3.02
N SER A 304 -9.42 3.51 2.37
CA SER A 304 -9.80 4.91 2.23
C SER A 304 -11.08 5.34 2.93
N TYR A 305 -11.42 6.61 2.70
CA TYR A 305 -12.66 7.19 3.19
C TYR A 305 -13.25 7.95 2.00
N ASP A 306 -14.59 7.99 1.94
CA ASP A 306 -15.31 8.70 0.89
C ASP A 306 -15.03 10.18 1.08
N PHE A 307 -14.30 10.80 0.14
CA PHE A 307 -13.98 12.22 0.28
C PHE A 307 -14.96 13.19 -0.34
N HIS A 308 -16.07 12.67 -0.85
CA HIS A 308 -17.14 13.47 -1.45
C HIS A 308 -16.66 14.53 -2.45
N GLY A 309 -15.77 14.14 -3.35
CA GLY A 309 -15.26 15.06 -4.35
C GLY A 309 -14.27 16.12 -3.90
N ASP A 310 -13.99 16.21 -2.60
CA ASP A 310 -13.04 17.20 -2.10
C ASP A 310 -11.70 16.51 -1.94
N THR A 311 -10.77 16.78 -2.85
CA THR A 311 -9.45 16.15 -2.82
C THR A 311 -8.50 16.65 -1.73
N ASP A 312 -8.89 17.73 -1.03
CA ASP A 312 -8.07 18.27 0.06
C ASP A 312 -8.59 17.84 1.44
N ALA A 313 -9.84 17.37 1.49
CA ALA A 313 -10.47 17.00 2.74
C ALA A 313 -9.89 15.86 3.56
N GLY A 314 -9.92 16.06 4.87
CA GLY A 314 -9.46 15.05 5.81
C GLY A 314 -10.54 13.98 5.94
N GLY A 315 -10.33 13.02 6.83
CA GLY A 315 -11.27 11.94 7.00
C GLY A 315 -12.53 12.26 7.77
N PRO A 316 -13.37 11.24 7.99
CA PRO A 316 -14.65 11.32 8.71
C PRO A 316 -14.50 11.87 10.12
N ASN A 317 -15.57 12.49 10.61
CA ASN A 317 -15.59 13.06 11.96
C ASN A 317 -16.01 12.00 12.99
N VAL A 318 -16.14 10.76 12.54
N VAL A 318 -16.15 10.77 12.54
CA VAL A 318 -16.54 9.65 13.40
CA VAL A 318 -16.52 9.67 13.44
C VAL A 318 -15.45 8.56 13.35
C VAL A 318 -15.44 8.58 13.38
N PRO A 319 -15.15 7.93 14.51
CA PRO A 319 -14.12 6.87 14.49
C PRO A 319 -14.65 5.60 13.81
N VAL A 320 -13.75 4.72 13.40
CA VAL A 320 -14.14 3.47 12.75
C VAL A 320 -14.93 2.61 13.71
N HIS A 321 -14.40 2.45 14.92
CA HIS A 321 -15.06 1.66 15.97
C HIS A 321 -15.76 2.67 16.86
N ASN A 322 -17.05 2.86 16.59
CA ASN A 322 -17.85 3.86 17.25
C ASN A 322 -18.95 3.31 18.15
N ASN A 323 -18.67 3.22 19.45
CA ASN A 323 -19.65 2.73 20.42
C ASN A 323 -20.33 1.42 20.05
N GLY A 324 -19.58 0.46 19.52
CA GLY A 324 -20.17 -0.82 19.19
C GLY A 324 -20.52 -1.05 17.73
N ASN A 325 -20.54 0.00 16.91
CA ASN A 325 -20.82 -0.19 15.50
C ASN A 325 -19.67 0.25 14.60
N LEU A 326 -19.48 -0.52 13.55
CA LEU A 326 -18.42 -0.30 12.58
C LEU A 326 -18.83 0.71 11.51
N GLU A 327 -18.15 1.86 11.48
CA GLU A 327 -18.44 2.90 10.50
C GLU A 327 -17.78 2.62 9.16
N CYS A 328 -18.02 1.42 8.62
CA CYS A 328 -17.44 0.99 7.36
C CYS A 328 -18.42 0.83 6.21
N PHE A 329 -17.86 0.75 5.00
CA PHE A 329 -18.58 0.50 3.75
C PHE A 329 -19.53 1.54 3.17
N ALA A 330 -19.88 2.55 3.95
CA ALA A 330 -20.80 3.57 3.47
C ALA A 330 -20.13 4.86 3.04
N SER A 331 -20.63 6.00 3.55
CA SER A 331 -20.09 7.29 3.18
C SER A 331 -19.02 7.87 4.10
N ASN A 332 -18.53 7.07 5.03
CA ASN A 332 -17.46 7.50 5.92
C ASN A 332 -16.23 6.68 5.51
N TRP A 333 -15.80 5.74 6.34
CA TRP A 333 -14.65 4.90 6.00
C TRP A 333 -15.09 3.80 5.02
N LYS A 334 -14.32 3.56 3.97
CA LYS A 334 -14.67 2.54 3.00
C LYS A 334 -14.25 1.13 3.43
N CYS A 335 -13.14 1.05 4.17
CA CYS A 335 -12.61 -0.21 4.67
C CYS A 335 -12.45 -1.30 3.61
N GLU A 336 -11.76 -0.97 2.52
CA GLU A 336 -11.53 -1.92 1.43
C GLU A 336 -10.85 -3.21 1.87
N HIS A 337 -9.99 -3.13 2.90
CA HIS A 337 -9.28 -4.30 3.41
C HIS A 337 -10.24 -5.37 3.98
N ARG A 338 -11.50 -4.98 4.23
CA ARG A 338 -12.54 -5.89 4.74
C ARG A 338 -13.47 -6.40 3.63
N TRP A 339 -13.37 -5.83 2.42
CA TRP A 339 -14.21 -6.26 1.30
C TRP A 339 -13.92 -7.72 1.02
N SER A 340 -14.97 -8.52 0.88
CA SER A 340 -14.78 -9.96 0.70
C SER A 340 -13.83 -10.44 -0.41
N TYR A 341 -13.83 -9.79 -1.57
CA TYR A 341 -12.93 -10.19 -2.66
C TYR A 341 -11.48 -9.86 -2.34
N ILE A 342 -11.28 -8.75 -1.65
CA ILE A 342 -9.95 -8.29 -1.30
C ILE A 342 -9.37 -9.14 -0.16
N ALA A 343 -10.13 -9.34 0.92
CA ALA A 343 -9.68 -10.16 2.04
C ALA A 343 -9.45 -11.59 1.54
N GLY A 344 -10.31 -12.05 0.64
CA GLY A 344 -10.17 -13.38 0.05
C GLY A 344 -8.89 -13.48 -0.76
N GLY A 345 -8.55 -12.39 -1.47
CA GLY A 345 -7.31 -12.37 -2.25
C GLY A 345 -6.09 -12.46 -1.34
N VAL A 346 -6.15 -11.78 -0.20
CA VAL A 346 -5.06 -11.81 0.80
C VAL A 346 -4.90 -13.25 1.33
N ASP A 347 -6.01 -13.90 1.63
CA ASP A 347 -5.97 -15.27 2.13
C ASP A 347 -5.32 -16.17 1.07
N PHE A 348 -5.63 -15.94 -0.20
CA PHE A 348 -5.08 -16.72 -1.29
C PHE A 348 -3.55 -16.51 -1.36
N ARG A 349 -3.11 -15.25 -1.31
CA ARG A 349 -1.69 -14.96 -1.39
C ARG A 349 -0.93 -15.61 -0.22
N ASN A 350 -1.53 -15.55 0.97
CA ASN A 350 -0.92 -16.12 2.17
C ASN A 350 -0.76 -17.62 2.08
N ASN A 351 -1.70 -18.29 1.42
CA ASN A 351 -1.65 -19.74 1.33
C ASN A 351 -1.00 -20.35 0.09
N THR A 352 -0.44 -19.50 -0.77
CA THR A 352 0.23 -19.97 -1.98
C THR A 352 1.67 -19.47 -1.99
N ALA A 353 2.14 -19.00 -0.83
CA ALA A 353 3.49 -18.44 -0.71
C ALA A 353 4.61 -19.43 -0.88
N ASP A 354 4.27 -20.71 -1.02
CA ASP A 354 5.29 -21.75 -1.20
C ASP A 354 5.53 -22.07 -2.67
N ASN A 355 4.80 -21.39 -3.56
CA ASN A 355 4.96 -21.60 -5.00
C ASN A 355 4.75 -20.24 -5.70
N TRP A 356 5.84 -19.60 -6.08
CA TRP A 356 5.78 -18.28 -6.72
C TRP A 356 5.75 -18.28 -8.24
N ALA A 357 5.37 -19.41 -8.82
CA ALA A 357 5.29 -19.49 -10.28
C ALA A 357 3.85 -19.35 -10.74
N VAL A 358 3.67 -18.87 -11.98
CA VAL A 358 2.35 -18.76 -12.57
C VAL A 358 2.29 -20.00 -13.47
N THR A 359 1.42 -20.94 -13.12
CA THR A 359 1.31 -22.16 -13.89
C THR A 359 0.00 -22.28 -14.65
N ASN A 360 0.04 -23.02 -15.75
CA ASN A 360 -1.16 -23.26 -16.55
C ASN A 360 -1.97 -22.00 -16.88
N TRP A 361 -1.33 -21.00 -17.47
CA TRP A 361 -2.04 -19.79 -17.83
C TRP A 361 -3.01 -20.08 -18.98
N TRP A 362 -4.23 -19.57 -18.86
CA TRP A 362 -5.27 -19.74 -19.88
C TRP A 362 -6.00 -18.41 -20.06
N ASP A 363 -6.38 -18.09 -21.29
CA ASP A 363 -7.15 -16.88 -21.56
C ASP A 363 -7.98 -17.09 -22.85
N ASN A 364 -8.96 -16.24 -23.06
CA ASN A 364 -9.79 -16.32 -24.26
C ASN A 364 -9.35 -15.30 -25.30
N THR A 365 -8.10 -14.84 -25.16
CA THR A 365 -7.45 -13.84 -26.02
C THR A 365 -7.90 -12.44 -25.64
N ASN A 366 -8.86 -12.34 -24.72
CA ASN A 366 -9.34 -11.03 -24.33
C ASN A 366 -9.51 -10.83 -22.82
N ASN A 367 -10.75 -10.80 -22.32
CA ASN A 367 -10.97 -10.53 -20.90
C ASN A 367 -11.35 -11.66 -19.96
N GLN A 368 -10.94 -12.88 -20.28
CA GLN A 368 -11.17 -14.02 -19.40
C GLN A 368 -9.80 -14.66 -19.23
N ILE A 369 -9.38 -14.87 -17.98
CA ILE A 369 -8.08 -15.47 -17.68
C ILE A 369 -8.19 -16.43 -16.50
N SER A 370 -7.22 -17.33 -16.42
CA SER A 370 -7.16 -18.29 -15.33
C SER A 370 -5.72 -18.74 -15.23
N PHE A 371 -5.24 -18.95 -14.01
CA PHE A 371 -3.88 -19.43 -13.82
C PHE A 371 -3.77 -19.99 -12.42
N GLY A 372 -2.73 -20.77 -12.19
CA GLY A 372 -2.55 -21.34 -10.88
C GLY A 372 -1.20 -21.03 -10.29
N ARG A 373 -1.02 -21.48 -9.08
N ARG A 373 -0.99 -21.52 -9.05
CA ARG A 373 0.25 -21.34 -8.35
CA ARG A 373 0.25 -21.36 -8.33
C ARG A 373 0.70 -22.78 -8.01
C ARG A 373 0.65 -22.78 -8.02
N GLY A 374 0.82 -23.58 -9.07
CA GLY A 374 1.18 -24.98 -8.89
C GLY A 374 0.02 -25.65 -8.18
N SER A 375 0.31 -26.61 -7.30
CA SER A 375 -0.71 -27.33 -6.56
C SER A 375 -1.24 -26.58 -5.33
N SER A 376 -0.74 -25.37 -5.08
CA SER A 376 -1.17 -24.58 -3.92
C SER A 376 -2.48 -23.82 -4.13
N GLY A 377 -2.78 -23.44 -5.36
CA GLY A 377 -4.01 -22.69 -5.63
C GLY A 377 -4.28 -22.43 -7.10
N HIS A 378 -5.48 -21.94 -7.38
CA HIS A 378 -5.90 -21.64 -8.76
C HIS A 378 -6.95 -20.52 -8.72
N MET A 379 -6.97 -19.70 -9.77
CA MET A 379 -7.93 -18.60 -9.81
C MET A 379 -8.43 -18.38 -11.23
N ALA A 380 -9.45 -17.54 -11.37
CA ALA A 380 -10.01 -17.19 -12.67
C ALA A 380 -10.79 -15.90 -12.52
N ILE A 381 -10.70 -15.05 -13.54
CA ILE A 381 -11.41 -13.78 -13.57
C ILE A 381 -12.20 -13.69 -14.89
N ASN A 382 -13.48 -13.31 -14.80
CA ASN A 382 -14.30 -13.15 -16.01
C ASN A 382 -14.72 -11.69 -16.12
N LYS A 383 -14.11 -10.97 -17.06
CA LYS A 383 -14.47 -9.57 -17.27
C LYS A 383 -15.20 -9.34 -18.62
N GLU A 384 -15.78 -10.42 -19.17
CA GLU A 384 -16.58 -10.32 -20.40
C GLU A 384 -18.03 -10.16 -19.94
N ASP A 385 -18.95 -10.01 -20.90
CA ASP A 385 -20.38 -9.86 -20.58
C ASP A 385 -21.15 -11.17 -20.58
N SER A 386 -20.46 -12.26 -20.85
CA SER A 386 -21.09 -13.57 -20.86
C SER A 386 -20.35 -14.49 -19.88
N THR A 387 -21.06 -15.48 -19.38
CA THR A 387 -20.52 -16.42 -18.41
C THR A 387 -19.32 -17.21 -18.91
N LEU A 388 -18.32 -17.36 -18.04
CA LEU A 388 -17.13 -18.13 -18.36
C LEU A 388 -17.44 -19.57 -17.97
N THR A 389 -17.48 -20.48 -18.95
CA THR A 389 -17.80 -21.87 -18.70
C THR A 389 -16.73 -22.83 -19.24
N ALA A 390 -15.55 -22.29 -19.52
CA ALA A 390 -14.43 -23.09 -20.04
C ALA A 390 -13.91 -24.08 -18.99
N THR A 391 -13.32 -25.18 -19.47
CA THR A 391 -12.72 -26.19 -18.60
C THR A 391 -11.23 -25.86 -18.56
N VAL A 392 -10.68 -25.64 -17.38
CA VAL A 392 -9.27 -25.31 -17.27
C VAL A 392 -8.48 -26.37 -16.52
N GLN A 393 -7.20 -26.53 -16.87
CA GLN A 393 -6.33 -27.50 -16.20
C GLN A 393 -5.64 -26.88 -14.99
N THR A 394 -5.64 -27.60 -13.87
CA THR A 394 -4.98 -27.15 -12.65
C THR A 394 -4.05 -28.26 -12.16
N ASP A 395 -3.20 -27.94 -11.18
CA ASP A 395 -2.29 -28.93 -10.61
C ASP A 395 -2.77 -29.33 -9.22
N MET A 396 -4.03 -29.00 -8.93
CA MET A 396 -4.58 -29.29 -7.63
C MET A 396 -5.19 -30.65 -7.43
N ALA A 397 -5.17 -31.11 -6.18
CA ALA A 397 -5.73 -32.39 -5.80
C ALA A 397 -7.24 -32.34 -6.01
N SER A 398 -7.80 -33.42 -6.55
CA SER A 398 -9.23 -33.47 -6.79
C SER A 398 -9.99 -33.32 -5.48
N GLY A 399 -11.19 -32.77 -5.55
CA GLY A 399 -11.99 -32.58 -4.35
C GLY A 399 -12.85 -31.32 -4.43
N GLN A 400 -13.33 -30.87 -3.28
CA GLN A 400 -14.18 -29.69 -3.21
C GLN A 400 -13.54 -28.63 -2.35
N TYR A 401 -13.54 -27.40 -2.88
CA TYR A 401 -12.91 -26.26 -2.23
C TYR A 401 -13.86 -25.06 -2.09
N CYS A 402 -13.61 -24.20 -1.11
CA CYS A 402 -14.43 -23.02 -0.95
C CYS A 402 -13.88 -21.92 -1.86
N ASN A 403 -14.74 -21.22 -2.57
CA ASN A 403 -14.27 -20.09 -3.39
C ASN A 403 -14.02 -19.04 -2.30
N VAL A 404 -12.76 -18.81 -1.95
CA VAL A 404 -12.40 -17.88 -0.88
C VAL A 404 -12.69 -16.40 -1.10
N LEU A 405 -13.07 -16.05 -2.32
CA LEU A 405 -13.44 -14.68 -2.65
C LEU A 405 -14.88 -14.43 -2.16
N LYS A 406 -15.62 -15.52 -1.96
CA LYS A 406 -17.02 -15.42 -1.56
C LYS A 406 -17.42 -16.07 -0.23
N GLY A 407 -16.48 -16.69 0.45
CA GLY A 407 -16.79 -17.34 1.71
C GLY A 407 -15.56 -18.00 2.27
N GLU A 408 -15.73 -18.75 3.33
CA GLU A 408 -14.59 -19.41 3.94
C GLU A 408 -14.92 -20.77 4.50
N LEU A 409 -13.87 -21.54 4.79
CA LEU A 409 -13.98 -22.88 5.34
C LEU A 409 -14.35 -22.79 6.82
N SER A 410 -15.25 -23.66 7.27
CA SER A 410 -15.67 -23.69 8.68
C SER A 410 -14.55 -24.26 9.54
N ALA A 411 -14.67 -24.10 10.86
CA ALA A 411 -13.66 -24.60 11.79
C ALA A 411 -13.45 -26.10 11.64
N ASP A 412 -14.53 -26.86 11.50
CA ASP A 412 -14.42 -28.31 11.35
C ASP A 412 -14.11 -28.76 9.92
N ALA A 413 -13.96 -27.79 9.01
CA ALA A 413 -13.66 -28.03 7.60
C ALA A 413 -14.71 -28.90 6.90
N LYS A 414 -15.94 -28.86 7.38
CA LYS A 414 -17.00 -29.66 6.79
C LYS A 414 -17.98 -28.85 5.93
N SER A 415 -17.76 -27.53 5.84
CA SER A 415 -18.62 -26.67 5.05
C SER A 415 -17.95 -25.33 4.73
N CYS A 416 -18.50 -24.64 3.74
CA CYS A 416 -18.02 -23.32 3.33
C CYS A 416 -19.20 -22.39 3.55
N SER A 417 -18.95 -21.09 3.61
CA SER A 417 -20.01 -20.10 3.77
C SER A 417 -20.41 -19.54 2.39
N GLY A 418 -19.58 -19.80 1.37
CA GLY A 418 -19.85 -19.34 0.01
C GLY A 418 -19.91 -20.51 -0.96
N GLU A 419 -19.93 -20.24 -2.26
CA GLU A 419 -20.01 -21.32 -3.25
C GLU A 419 -18.82 -22.28 -3.21
N VAL A 420 -19.07 -23.51 -3.60
CA VAL A 420 -18.07 -24.58 -3.63
C VAL A 420 -17.59 -24.81 -5.07
N ILE A 421 -16.27 -25.01 -5.23
CA ILE A 421 -15.65 -25.25 -6.54
C ILE A 421 -15.11 -26.69 -6.53
N THR A 422 -15.34 -27.42 -7.61
CA THR A 422 -14.89 -28.80 -7.70
C THR A 422 -13.72 -29.00 -8.66
N VAL A 423 -12.69 -29.70 -8.18
CA VAL A 423 -11.55 -30.05 -9.00
C VAL A 423 -11.78 -31.54 -9.33
N ASN A 424 -12.00 -31.85 -10.60
CA ASN A 424 -12.27 -33.23 -11.05
C ASN A 424 -11.06 -34.14 -10.83
N SER A 425 -11.26 -35.45 -10.97
CA SER A 425 -10.16 -36.40 -10.75
C SER A 425 -8.95 -36.21 -11.68
N ASP A 426 -9.15 -35.53 -12.81
CA ASP A 426 -8.04 -35.26 -13.73
C ASP A 426 -7.41 -33.87 -13.53
N GLY A 427 -7.79 -33.21 -12.45
CA GLY A 427 -7.27 -31.88 -12.15
C GLY A 427 -7.94 -30.70 -12.83
N THR A 428 -8.92 -30.94 -13.70
CA THR A 428 -9.61 -29.84 -14.38
C THR A 428 -10.74 -29.25 -13.54
N ILE A 429 -11.15 -28.04 -13.88
CA ILE A 429 -12.27 -27.37 -13.22
C ILE A 429 -13.19 -26.91 -14.35
N ASN A 430 -14.48 -27.17 -14.20
CA ASN A 430 -15.47 -26.75 -15.19
C ASN A 430 -15.98 -25.43 -14.64
N LEU A 431 -15.43 -24.33 -15.14
CA LEU A 431 -15.81 -23.01 -14.64
C LEU A 431 -17.27 -22.62 -14.85
N ASN A 432 -17.76 -21.75 -13.99
CA ASN A 432 -19.14 -21.27 -14.07
C ASN A 432 -19.11 -19.92 -13.37
N ILE A 433 -18.44 -18.95 -14.00
CA ILE A 433 -18.28 -17.63 -13.45
C ILE A 433 -19.05 -16.58 -14.25
N GLY A 434 -19.97 -15.89 -13.56
CA GLY A 434 -20.76 -14.87 -14.21
C GLY A 434 -19.96 -13.68 -14.67
N ALA A 435 -20.57 -12.80 -15.45
CA ALA A 435 -19.90 -11.60 -15.95
C ALA A 435 -19.38 -10.77 -14.77
N TRP A 436 -18.17 -10.23 -14.92
CA TRP A 436 -17.55 -9.40 -13.87
C TRP A 436 -17.52 -10.07 -12.49
N ASP A 437 -17.02 -11.30 -12.47
CA ASP A 437 -16.92 -12.07 -11.23
C ASP A 437 -15.61 -12.87 -11.28
N ALA A 438 -15.31 -13.60 -10.20
CA ALA A 438 -14.07 -14.36 -10.15
C ALA A 438 -14.11 -15.46 -9.10
N MET A 439 -13.10 -16.32 -9.12
CA MET A 439 -12.99 -17.40 -8.14
C MET A 439 -11.53 -17.62 -7.81
N ALA A 440 -11.28 -18.08 -6.59
CA ALA A 440 -9.94 -18.38 -6.14
C ALA A 440 -10.06 -19.50 -5.11
N ILE A 441 -9.24 -20.53 -5.26
CA ILE A 441 -9.22 -21.66 -4.33
C ILE A 441 -7.77 -21.99 -3.96
N HIS A 442 -7.55 -22.50 -2.76
CA HIS A 442 -6.21 -22.89 -2.33
C HIS A 442 -6.27 -24.15 -1.47
N LYS A 443 -5.13 -24.83 -1.35
CA LYS A 443 -5.03 -26.10 -0.63
C LYS A 443 -5.42 -26.11 0.83
N ASN A 444 -5.48 -24.94 1.46
CA ASN A 444 -5.87 -24.88 2.85
C ASN A 444 -7.33 -24.52 3.10
N ALA A 445 -8.14 -24.54 2.05
CA ALA A 445 -9.58 -24.26 2.18
C ALA A 445 -10.28 -25.36 1.39
N LYS A 446 -9.86 -26.59 1.65
CA LYS A 446 -10.40 -27.79 1.02
C LYS A 446 -11.35 -28.49 1.99
N LEU A 447 -12.55 -28.84 1.51
CA LEU A 447 -13.54 -29.51 2.35
C LEU A 447 -13.11 -30.93 2.68
N ASN A 448 -13.52 -31.41 3.85
CA ASN A 448 -13.20 -32.75 4.28
C ASN A 448 -14.41 -33.67 4.10
#